data_7BP4
#
_entry.id   7BP4
#
_cell.length_a   61.748
_cell.length_b   62.248
_cell.length_c   130.692
_cell.angle_alpha   90.000
_cell.angle_beta   90.000
_cell.angle_gamma   90.000
#
_symmetry.space_group_name_H-M   'P 21 21 21'
#
loop_
_entity.id
_entity.type
_entity.pdbx_description
1 polymer 'Histone H2A.6'
2 polymer 'Histone H2B.1'
3 polymer ASP-ASP-ASP-ASP-TYR
4 non-polymer GLYCEROL
5 water water
#
loop_
_entity_poly.entity_id
_entity_poly.type
_entity_poly.pdbx_seq_one_letter_code
_entity_poly.pdbx_strand_id
1 'polypeptide(L)'
;KKATSRSSKAGLQFPVGRIARFLKAGKYAERVGAGAPVYLAAVLEYLAAEVLELAGNAARDNKKTRIVPRHIQLAVRNDE
ELSKLLGDVTIAN
;
G,A
2 'polypeptide(L)'
;KKRSKKNVETYKIYIFKVLKQVHPDIGISSKAMGIMNSFINDIFEKLAQESSKLARYNKKPTITSREIQTAVRLVLPGEL
AKHAVSEGTKAVTKFTSS
;
H,B
3 'polypeptide(L)' DDDDY L,C
#
loop_
_chem_comp.id
_chem_comp.type
_chem_comp.name
_chem_comp.formula
GOL non-polymer GLYCEROL 'C3 H8 O3'
#
# COMPACT_ATOMS: atom_id res chain seq x y z
N ALA A 10 14.92 -7.30 22.60
CA ALA A 10 14.57 -5.84 22.69
C ALA A 10 13.45 -5.57 23.71
N GLY A 11 12.75 -6.62 24.22
CA GLY A 11 11.70 -6.52 25.27
C GLY A 11 10.28 -6.56 24.72
N LEU A 12 10.16 -6.38 23.40
CA LEU A 12 8.93 -5.97 22.68
C LEU A 12 7.99 -7.16 22.48
N GLN A 13 6.70 -6.87 22.26
CA GLN A 13 5.70 -7.75 21.63
C GLN A 13 5.59 -7.47 20.12
N PHE A 14 5.84 -6.25 19.64
CA PHE A 14 5.62 -5.93 18.20
C PHE A 14 6.70 -6.60 17.32
N PRO A 15 6.35 -6.99 16.07
CA PRO A 15 7.27 -7.69 15.17
C PRO A 15 8.33 -6.83 14.44
N VAL A 16 9.59 -7.15 14.66
CA VAL A 16 10.74 -6.45 13.98
C VAL A 16 10.93 -6.94 12.54
N GLY A 17 10.48 -8.14 12.16
CA GLY A 17 10.90 -8.81 10.91
C GLY A 17 10.38 -8.21 9.62
N ARG A 18 9.11 -7.83 9.52
CA ARG A 18 8.51 -7.45 8.21
C ARG A 18 8.97 -6.04 7.80
N ILE A 19 9.49 -5.26 8.75
CA ILE A 19 9.72 -3.81 8.53
C ILE A 19 10.78 -3.55 7.44
N ALA A 20 11.95 -4.20 7.52
CA ALA A 20 13.07 -3.97 6.57
C ALA A 20 12.61 -4.29 5.16
N ARG A 21 11.87 -5.40 5.02
CA ARG A 21 11.42 -5.94 3.71
C ARG A 21 10.44 -4.95 3.09
N PHE A 22 9.52 -4.47 3.92
CA PHE A 22 8.46 -3.54 3.48
C PHE A 22 9.11 -2.23 2.98
N LEU A 23 10.04 -1.69 3.77
CA LEU A 23 10.77 -0.45 3.43
C LEU A 23 11.55 -0.62 2.12
N LYS A 24 12.29 -1.72 1.95
CA LYS A 24 12.99 -1.96 0.66
C LYS A 24 11.94 -2.06 -0.46
N ALA A 25 10.87 -2.84 -0.29
CA ALA A 25 9.93 -3.20 -1.39
C ALA A 25 9.15 -1.96 -1.85
N GLY A 26 8.97 -0.97 -0.98
CA GLY A 26 8.31 0.30 -1.35
C GLY A 26 9.30 1.35 -1.80
N LYS A 27 10.61 1.01 -1.84
CA LYS A 27 11.72 1.94 -2.12
C LYS A 27 11.62 3.17 -1.20
N TYR A 28 11.23 2.99 0.06
CA TYR A 28 11.39 4.03 1.11
C TYR A 28 12.90 4.32 1.29
N ALA A 29 13.72 3.31 1.04
CA ALA A 29 15.19 3.37 1.09
C ALA A 29 15.73 2.12 0.41
N GLU A 30 16.98 2.17 -0.02
CA GLU A 30 17.71 1.03 -0.65
C GLU A 30 18.35 0.19 0.44
N ARG A 31 18.69 0.77 1.58
CA ARG A 31 19.29 0.05 2.72
C ARG A 31 18.54 0.39 4.01
N VAL A 32 18.42 -0.58 4.93
CA VAL A 32 17.82 -0.37 6.27
C VAL A 32 18.77 -0.91 7.34
N GLY A 33 19.16 -0.09 8.30
CA GLY A 33 20.04 -0.52 9.40
C GLY A 33 19.29 -1.45 10.33
N ALA A 34 19.98 -2.30 11.07
CA ALA A 34 19.35 -3.36 11.91
C ALA A 34 18.63 -2.70 13.10
N GLY A 35 19.11 -1.53 13.55
CA GLY A 35 18.44 -0.81 14.66
C GLY A 35 17.10 -0.20 14.28
N ALA A 36 16.90 0.16 12.99
CA ALA A 36 15.73 0.94 12.54
C ALA A 36 14.45 0.17 12.81
N PRO A 37 14.31 -1.13 12.40
CA PRO A 37 13.09 -1.87 12.65
C PRO A 37 12.78 -2.04 14.14
N VAL A 38 13.81 -2.27 14.95
CA VAL A 38 13.67 -2.44 16.42
C VAL A 38 13.12 -1.12 16.97
N TYR A 39 13.71 0.00 16.57
CA TYR A 39 13.34 1.34 17.10
C TYR A 39 11.86 1.56 16.78
N LEU A 40 11.54 1.36 15.51
CA LEU A 40 10.21 1.65 14.95
C LEU A 40 9.16 0.73 15.60
N ALA A 41 9.48 -0.54 15.84
CA ALA A 41 8.48 -1.44 16.42
C ALA A 41 8.25 -1.00 17.86
N ALA A 42 9.31 -0.67 18.59
CA ALA A 42 9.14 -0.16 19.98
C ALA A 42 8.27 1.11 20.02
N VAL A 43 8.38 2.01 19.04
CA VAL A 43 7.58 3.26 18.99
C VAL A 43 6.11 2.92 18.72
N LEU A 44 5.83 2.06 17.75
CA LEU A 44 4.44 1.62 17.44
C LEU A 44 3.85 0.90 18.67
N GLU A 45 4.64 0.05 19.32
CA GLU A 45 4.15 -0.63 20.55
C GLU A 45 3.80 0.38 21.65
N TYR A 46 4.68 1.35 21.91
CA TYR A 46 4.44 2.47 22.87
C TYR A 46 3.09 3.17 22.56
N LEU A 47 2.87 3.57 21.33
CA LEU A 47 1.62 4.26 20.96
C LEU A 47 0.40 3.34 21.15
N ALA A 48 0.38 2.10 20.62
CA ALA A 48 -0.69 1.10 20.92
C ALA A 48 -0.94 1.04 22.44
N ALA A 49 0.08 0.84 23.24
CA ALA A 49 -0.09 0.70 24.69
C ALA A 49 -0.80 1.97 25.25
N GLU A 50 -0.40 3.17 24.82
CA GLU A 50 -0.96 4.45 25.34
C GLU A 50 -2.46 4.51 25.08
N VAL A 51 -2.85 4.25 23.83
CA VAL A 51 -4.28 4.29 23.39
C VAL A 51 -5.07 3.24 24.15
N LEU A 52 -4.55 2.03 24.21
CA LEU A 52 -5.26 0.90 24.83
C LEU A 52 -5.48 1.19 26.31
N GLU A 53 -4.46 1.74 26.95
CA GLU A 53 -4.54 1.94 28.41
C GLU A 53 -5.67 2.92 28.71
N LEU A 54 -5.74 4.00 27.93
CA LEU A 54 -6.77 5.07 28.03
C LEU A 54 -8.14 4.52 27.62
N ALA A 55 -8.21 3.79 26.50
CA ALA A 55 -9.46 3.18 26.00
C ALA A 55 -10.01 2.20 27.05
N GLY A 56 -9.14 1.38 27.61
CA GLY A 56 -9.50 0.43 28.68
C GLY A 56 -10.01 1.12 29.93
N ASN A 57 -9.34 2.21 30.34
CA ASN A 57 -9.80 3.05 31.49
C ASN A 57 -11.22 3.54 31.23
N ALA A 58 -11.52 4.06 30.04
CA ALA A 58 -12.88 4.49 29.64
C ALA A 58 -13.85 3.31 29.71
N ALA A 59 -13.47 2.12 29.23
CA ALA A 59 -14.32 0.92 29.31
C ALA A 59 -14.68 0.70 30.78
N ARG A 60 -13.68 0.65 31.66
CA ARG A 60 -13.85 0.25 33.08
C ARG A 60 -14.71 1.28 33.79
N ASP A 61 -14.43 2.56 33.56
CA ASP A 61 -15.14 3.74 34.11
C ASP A 61 -16.63 3.65 33.78
N ASN A 62 -16.96 3.12 32.60
CA ASN A 62 -18.33 2.93 32.05
C ASN A 62 -18.84 1.53 32.47
N LYS A 63 -18.16 0.87 33.41
CA LYS A 63 -18.42 -0.53 33.88
C LYS A 63 -18.50 -1.50 32.69
N LYS A 64 -17.71 -1.35 31.63
CA LYS A 64 -17.65 -2.36 30.54
C LYS A 64 -16.44 -3.28 30.74
N THR A 65 -16.55 -4.48 30.20
CA THR A 65 -15.48 -5.50 30.22
C THR A 65 -14.84 -5.62 28.82
N ARG A 66 -15.33 -4.88 27.82
CA ARG A 66 -14.56 -4.79 26.56
C ARG A 66 -14.58 -3.37 25.97
N ILE A 67 -13.47 -3.04 25.32
CA ILE A 67 -13.29 -1.80 24.54
C ILE A 67 -14.13 -1.89 23.28
N VAL A 68 -14.96 -0.87 23.04
CA VAL A 68 -15.73 -0.68 21.78
C VAL A 68 -15.30 0.66 21.19
N PRO A 69 -15.61 0.91 19.90
CA PRO A 69 -15.22 2.17 19.26
C PRO A 69 -15.42 3.43 20.13
N ARG A 70 -16.55 3.48 20.85
CA ARG A 70 -16.90 4.65 21.70
C ARG A 70 -15.76 4.92 22.71
N HIS A 71 -15.20 3.87 23.31
CA HIS A 71 -14.13 3.98 24.33
C HIS A 71 -12.84 4.58 23.74
N ILE A 72 -12.51 4.24 22.49
CA ILE A 72 -11.28 4.72 21.80
C ILE A 72 -11.52 6.20 21.45
N GLN A 73 -12.71 6.52 20.93
CA GLN A 73 -13.14 7.89 20.57
C GLN A 73 -12.99 8.80 21.80
N LEU A 74 -13.48 8.33 22.94
CA LEU A 74 -13.38 9.07 24.21
C LEU A 74 -11.92 9.20 24.60
N ALA A 75 -11.16 8.13 24.49
CA ALA A 75 -9.74 8.16 24.88
C ALA A 75 -8.97 9.16 24.03
N VAL A 76 -9.15 9.14 22.72
CA VAL A 76 -8.40 10.05 21.81
C VAL A 76 -8.88 11.49 22.03
N ARG A 77 -10.18 11.69 22.13
CA ARG A 77 -10.80 13.03 22.29
C ARG A 77 -10.32 13.68 23.59
N ASN A 78 -10.12 12.90 24.65
CA ASN A 78 -9.77 13.56 25.92
C ASN A 78 -8.27 13.77 26.03
N ASP A 79 -7.52 13.42 24.99
CA ASP A 79 -6.06 13.52 25.10
C ASP A 79 -5.57 14.42 23.98
N GLU A 80 -5.01 15.56 24.36
CA GLU A 80 -4.63 16.63 23.40
C GLU A 80 -3.61 16.09 22.38
N GLU A 81 -2.59 15.40 22.84
CA GLU A 81 -1.55 14.87 21.93
C GLU A 81 -2.12 13.77 21.05
N LEU A 82 -2.89 12.82 21.58
CA LEU A 82 -3.47 11.76 20.71
C LEU A 82 -4.42 12.36 19.68
N SER A 83 -5.32 13.26 20.07
CA SER A 83 -6.18 13.99 19.10
C SER A 83 -5.31 14.60 17.99
N LYS A 84 -4.21 15.30 18.34
CA LYS A 84 -3.31 15.90 17.30
C LYS A 84 -2.73 14.79 16.42
N LEU A 85 -2.22 13.69 17.00
CA LEU A 85 -1.49 12.67 16.21
C LEU A 85 -2.48 11.88 15.36
N LEU A 86 -3.63 11.54 15.93
CA LEU A 86 -4.53 10.52 15.35
C LEU A 86 -5.67 11.21 14.60
N GLY A 87 -6.05 12.44 14.95
CA GLY A 87 -7.24 13.07 14.33
C GLY A 87 -8.51 12.64 15.07
N ASP A 88 -9.65 13.01 14.51
CA ASP A 88 -10.99 12.64 15.00
C ASP A 88 -11.19 11.15 14.82
N VAL A 89 -11.87 10.53 15.78
CA VAL A 89 -12.39 9.13 15.70
C VAL A 89 -13.90 9.22 15.47
N THR A 90 -14.40 8.62 14.40
CA THR A 90 -15.84 8.60 14.09
C THR A 90 -16.39 7.21 14.39
N ILE A 91 -17.44 7.17 15.22
CA ILE A 91 -18.22 5.97 15.61
C ILE A 91 -17.25 5.03 16.32
N THR B 10 -0.58 -7.38 9.40
CA THR B 10 -1.62 -6.87 10.36
C THR B 10 -1.08 -6.86 11.80
N TYR B 11 -1.40 -5.85 12.58
CA TYR B 11 -0.87 -5.64 13.95
C TYR B 11 -1.87 -6.17 14.98
N LYS B 12 -3.01 -6.72 14.55
CA LYS B 12 -4.13 -6.95 15.47
C LYS B 12 -3.69 -7.89 16.58
N ILE B 13 -2.98 -8.97 16.25
CA ILE B 13 -2.54 -9.94 17.27
C ILE B 13 -1.56 -9.28 18.25
N TYR B 14 -0.67 -8.42 17.76
CA TYR B 14 0.32 -7.73 18.62
C TYR B 14 -0.41 -6.67 19.48
N ILE B 15 -1.46 -6.03 18.96
CA ILE B 15 -2.28 -5.04 19.70
C ILE B 15 -3.00 -5.78 20.83
N PHE B 16 -3.53 -6.98 20.52
CA PHE B 16 -4.22 -7.85 21.49
C PHE B 16 -3.28 -8.21 22.64
N LYS B 17 -2.07 -8.64 22.33
CA LYS B 17 -1.08 -9.02 23.37
C LYS B 17 -0.78 -7.82 24.26
N VAL B 18 -0.65 -6.64 23.65
CA VAL B 18 -0.31 -5.43 24.45
C VAL B 18 -1.54 -5.08 25.28
N LEU B 19 -2.76 -5.24 24.75
CA LEU B 19 -3.98 -4.92 25.52
C LEU B 19 -3.97 -5.73 26.83
N LYS B 20 -3.55 -7.00 26.76
CA LYS B 20 -3.61 -7.97 27.88
C LYS B 20 -2.52 -7.71 28.93
N GLN B 21 -1.43 -7.04 28.59
CA GLN B 21 -0.43 -6.54 29.56
C GLN B 21 -0.95 -5.31 30.30
N VAL B 22 -1.69 -4.42 29.63
CA VAL B 22 -2.08 -3.12 30.25
C VAL B 22 -3.39 -3.31 31.01
N HIS B 23 -4.33 -4.10 30.45
CA HIS B 23 -5.67 -4.38 31.01
C HIS B 23 -5.98 -5.88 30.87
N PRO B 24 -5.36 -6.71 31.75
CA PRO B 24 -5.49 -8.16 31.65
C PRO B 24 -6.94 -8.60 31.51
N ASP B 25 -7.89 -7.87 32.13
CA ASP B 25 -9.29 -8.31 32.34
C ASP B 25 -10.25 -7.63 31.36
N ILE B 26 -9.73 -6.90 30.38
CA ILE B 26 -10.55 -6.12 29.43
C ILE B 26 -10.34 -6.63 28.00
N GLY B 27 -11.42 -6.82 27.27
CA GLY B 27 -11.39 -7.32 25.89
C GLY B 27 -11.52 -6.20 24.91
N ILE B 28 -11.76 -6.50 23.65
CA ILE B 28 -11.83 -5.48 22.57
C ILE B 28 -12.72 -6.01 21.47
N SER B 29 -13.64 -5.18 21.00
CA SER B 29 -14.57 -5.57 19.91
C SER B 29 -13.81 -5.63 18.59
N SER B 30 -14.36 -6.38 17.65
CA SER B 30 -13.90 -6.43 16.25
C SER B 30 -13.74 -5.00 15.68
N LYS B 31 -14.75 -4.16 15.84
CA LYS B 31 -14.73 -2.79 15.25
C LYS B 31 -13.68 -1.91 15.95
N ALA B 32 -13.54 -2.04 17.27
CA ALA B 32 -12.53 -1.29 18.04
C ALA B 32 -11.13 -1.73 17.59
N MET B 33 -10.92 -3.04 17.40
CA MET B 33 -9.60 -3.57 17.02
C MET B 33 -9.29 -3.08 15.60
N GLY B 34 -10.26 -3.00 14.71
CA GLY B 34 -10.04 -2.39 13.37
C GLY B 34 -9.52 -0.96 13.51
N ILE B 35 -10.05 -0.20 14.46
CA ILE B 35 -9.62 1.22 14.66
C ILE B 35 -8.18 1.24 15.17
N MET B 36 -7.85 0.47 16.22
CA MET B 36 -6.48 0.35 16.74
C MET B 36 -5.53 0.02 15.57
N ASN B 37 -5.91 -0.92 14.71
CA ASN B 37 -5.01 -1.42 13.63
C ASN B 37 -4.81 -0.31 12.57
N SER B 38 -5.87 0.41 12.20
CA SER B 38 -5.74 1.61 11.33
C SER B 38 -4.83 2.68 11.93
N PHE B 39 -4.94 2.99 13.24
CA PHE B 39 -4.03 3.96 13.93
C PHE B 39 -2.57 3.52 13.68
N ILE B 40 -2.24 2.25 13.96
CA ILE B 40 -0.85 1.75 13.91
C ILE B 40 -0.38 1.82 12.44
N ASN B 41 -1.18 1.38 11.48
CA ASN B 41 -0.78 1.51 10.04
C ASN B 41 -0.54 2.97 9.65
N ASP B 42 -1.42 3.88 10.06
CA ASP B 42 -1.27 5.33 9.70
C ASP B 42 0.05 5.87 10.25
N ILE B 43 0.33 5.65 11.52
CA ILE B 43 1.60 6.11 12.14
C ILE B 43 2.76 5.45 11.40
N PHE B 44 2.75 4.13 11.25
CA PHE B 44 3.84 3.45 10.49
C PHE B 44 4.19 4.27 9.23
N GLU B 45 3.19 4.52 8.38
CA GLU B 45 3.35 5.17 7.07
C GLU B 45 3.88 6.59 7.30
N LYS B 46 3.31 7.36 8.23
CA LYS B 46 3.85 8.72 8.55
C LYS B 46 5.34 8.62 8.87
N LEU B 47 5.75 7.73 9.80
CA LEU B 47 7.18 7.58 10.21
C LEU B 47 8.03 7.07 9.05
N ALA B 48 7.49 6.18 8.21
CA ALA B 48 8.24 5.57 7.09
C ALA B 48 8.47 6.65 6.02
N GLN B 49 7.42 7.36 5.65
CA GLN B 49 7.50 8.47 4.68
C GLN B 49 8.52 9.49 5.14
N GLU B 50 8.40 9.95 6.37
CA GLU B 50 9.30 10.97 6.94
C GLU B 50 10.74 10.44 6.91
N SER B 51 11.01 9.22 7.38
CA SER B 51 12.37 8.60 7.38
C SER B 51 12.89 8.53 5.93
N SER B 52 12.04 8.18 4.97
CA SER B 52 12.35 8.20 3.51
C SER B 52 12.87 9.57 3.08
N LYS B 53 12.26 10.69 3.49
CA LYS B 53 12.80 12.03 3.09
C LYS B 53 14.19 12.27 3.69
N LEU B 54 14.29 11.94 4.96
CA LEU B 54 15.53 12.14 5.73
C LEU B 54 16.66 11.36 5.05
N ALA B 55 16.41 10.10 4.66
CA ALA B 55 17.40 9.19 4.03
C ALA B 55 17.70 9.59 2.60
N ARG B 56 16.79 10.34 1.98
CA ARG B 56 16.91 10.82 0.59
C ARG B 56 18.08 11.78 0.49
N TYR B 57 18.44 12.47 1.59
CA TYR B 57 19.70 13.24 1.42
C TYR B 57 20.93 12.40 0.89
N ASN B 58 21.30 11.22 1.42
CA ASN B 58 22.44 10.34 1.07
C ASN B 58 22.21 9.62 -0.27
N LYS B 59 23.30 9.25 -0.96
CA LYS B 59 23.19 8.27 -2.09
C LYS B 59 23.13 6.88 -1.43
N LYS B 60 22.67 5.84 -2.14
CA LYS B 60 22.29 4.67 -1.30
C LYS B 60 21.49 5.19 -0.10
N PRO B 61 20.25 5.68 -0.32
CA PRO B 61 19.41 6.13 0.78
C PRO B 61 19.26 4.96 1.76
N THR B 62 19.57 5.26 3.01
CA THR B 62 19.66 4.30 4.14
C THR B 62 18.82 4.82 5.30
N ILE B 63 17.83 4.04 5.73
CA ILE B 63 17.08 4.36 6.97
C ILE B 63 17.77 3.63 8.12
N THR B 64 18.40 4.37 9.02
CA THR B 64 18.94 3.87 10.32
C THR B 64 18.07 4.30 11.50
N SER B 65 18.39 3.87 12.71
CA SER B 65 17.68 4.29 13.94
C SER B 65 17.79 5.81 14.08
N ARG B 66 18.78 6.45 13.46
CA ARG B 66 18.92 7.93 13.50
C ARG B 66 17.76 8.56 12.70
N GLU B 67 17.48 8.10 11.48
CA GLU B 67 16.36 8.63 10.69
C GLU B 67 15.05 8.37 11.43
N ILE B 68 14.81 7.17 11.97
CA ILE B 68 13.55 6.85 12.68
C ILE B 68 13.40 7.86 13.81
N GLN B 69 14.48 8.12 14.55
CA GLN B 69 14.49 8.94 15.79
C GLN B 69 14.06 10.36 15.43
N THR B 70 14.67 10.91 14.38
CA THR B 70 14.28 12.23 13.83
C THR B 70 12.82 12.23 13.37
N ALA B 71 12.44 11.24 12.58
CA ALA B 71 11.06 11.12 12.06
C ALA B 71 10.09 11.15 13.25
N VAL B 72 10.43 10.48 14.32
CA VAL B 72 9.54 10.40 15.51
C VAL B 72 9.45 11.80 16.15
N ARG B 73 10.57 12.47 16.34
CA ARG B 73 10.62 13.84 16.93
C ARG B 73 9.86 14.83 16.02
N LEU B 74 9.82 14.62 14.70
CA LEU B 74 9.06 15.55 13.82
C LEU B 74 7.57 15.25 13.79
N VAL B 75 7.17 13.99 13.70
CA VAL B 75 5.77 13.62 13.39
C VAL B 75 4.96 13.62 14.67
N LEU B 76 5.48 13.09 15.77
CA LEU B 76 4.67 12.93 17.00
C LEU B 76 4.59 14.25 17.74
N PRO B 77 3.47 14.57 18.41
CA PRO B 77 3.40 15.66 19.38
C PRO B 77 4.46 15.47 20.46
N GLY B 78 4.89 16.57 21.09
CA GLY B 78 6.15 16.66 21.85
C GLY B 78 6.30 15.65 22.96
N GLU B 79 5.30 15.47 23.82
CA GLU B 79 5.45 14.57 25.01
C GLU B 79 5.39 13.10 24.56
N LEU B 80 4.49 12.75 23.64
CA LEU B 80 4.52 11.44 22.93
C LEU B 80 5.88 11.19 22.28
N ALA B 81 6.43 12.18 21.58
CA ALA B 81 7.72 12.03 20.87
C ALA B 81 8.81 11.70 21.91
N LYS B 82 8.83 12.45 22.99
CA LYS B 82 9.88 12.27 24.02
C LYS B 82 9.79 10.85 24.62
N HIS B 83 8.60 10.34 24.93
CA HIS B 83 8.45 8.98 25.51
C HIS B 83 8.79 7.94 24.42
N ALA B 84 8.42 8.20 23.19
CA ALA B 84 8.61 7.20 22.12
C ALA B 84 10.11 7.08 21.85
N VAL B 85 10.82 8.21 21.85
CA VAL B 85 12.28 8.25 21.57
C VAL B 85 12.98 7.43 22.64
N SER B 86 12.58 7.61 23.88
CA SER B 86 13.12 6.89 25.04
C SER B 86 12.82 5.40 24.87
N GLU B 87 11.60 5.05 24.45
CA GLU B 87 11.24 3.61 24.22
C GLU B 87 12.10 3.06 23.08
N GLY B 88 12.15 3.76 21.95
CA GLY B 88 12.98 3.38 20.80
C GLY B 88 14.40 3.08 21.22
N THR B 89 14.99 3.97 22.02
CA THR B 89 16.42 3.97 22.45
C THR B 89 16.69 2.76 23.33
N LYS B 90 15.83 2.54 24.32
CA LYS B 90 15.91 1.38 25.24
C LYS B 90 15.89 0.09 24.43
N ALA B 91 14.97 -0.04 23.48
CA ALA B 91 14.80 -1.30 22.71
C ALA B 91 16.09 -1.55 21.89
N VAL B 92 16.66 -0.55 21.24
CA VAL B 92 17.94 -0.69 20.48
C VAL B 92 19.13 -0.97 21.43
N THR B 93 19.14 -0.41 22.63
CA THR B 93 20.17 -0.72 23.65
C THR B 93 20.06 -2.18 24.09
N LYS B 94 18.85 -2.68 24.35
CA LYS B 94 18.63 -4.08 24.82
C LYS B 94 19.01 -5.01 23.66
N PHE B 95 18.61 -4.69 22.44
CA PHE B 95 18.94 -5.50 21.24
C PHE B 95 20.46 -5.56 21.08
N THR B 96 21.12 -4.39 21.07
CA THR B 96 22.58 -4.19 20.85
C THR B 96 23.41 -5.05 21.81
N SER B 97 23.22 -4.85 23.12
CA SER B 97 24.09 -5.34 24.22
C SER B 97 24.04 -6.87 24.31
N ASP C 1 -24.10 -4.73 15.07
CA ASP C 1 -23.48 -5.85 15.84
C ASP C 1 -21.95 -5.81 15.69
N ASP C 2 -21.25 -6.14 16.79
CA ASP C 2 -19.79 -5.95 16.96
C ASP C 2 -19.27 -7.04 17.88
N ASP C 3 -19.00 -8.18 17.29
CA ASP C 3 -18.45 -9.38 17.97
C ASP C 3 -17.05 -9.12 18.47
N ASP C 4 -16.67 -9.82 19.54
CA ASP C 4 -15.30 -9.88 20.06
C ASP C 4 -14.33 -10.05 18.89
N TYR C 5 -13.21 -9.33 18.92
CA TYR C 5 -12.05 -9.58 18.03
C TYR C 5 -11.70 -11.07 18.14
N ALA D 10 3.75 -18.40 -13.71
CA ALA D 10 2.54 -18.40 -12.85
C ALA D 10 2.67 -17.31 -11.77
N GLY D 11 1.54 -16.75 -11.33
CA GLY D 11 1.46 -15.74 -10.26
C GLY D 11 1.71 -14.35 -10.79
N LEU D 12 1.23 -13.34 -10.07
CA LEU D 12 1.31 -11.93 -10.55
C LEU D 12 2.76 -11.46 -10.59
N GLN D 13 3.06 -10.65 -11.58
CA GLN D 13 4.42 -10.14 -11.86
C GLN D 13 4.48 -8.65 -11.51
N PHE D 14 3.39 -7.90 -11.64
CA PHE D 14 3.43 -6.41 -11.49
C PHE D 14 3.82 -6.08 -10.04
N PRO D 15 4.56 -4.97 -9.82
CA PRO D 15 5.17 -4.69 -8.52
C PRO D 15 4.19 -4.11 -7.48
N VAL D 16 3.67 -4.96 -6.61
CA VAL D 16 2.63 -4.56 -5.63
C VAL D 16 3.23 -3.48 -4.72
N GLY D 17 4.48 -3.62 -4.32
CA GLY D 17 5.13 -2.69 -3.36
C GLY D 17 5.29 -1.32 -3.95
N ARG D 18 5.60 -1.24 -5.24
CA ARG D 18 5.86 0.07 -5.88
C ARG D 18 4.53 0.76 -6.21
N ILE D 19 3.55 -0.03 -6.63
CA ILE D 19 2.18 0.46 -6.87
C ILE D 19 1.62 0.92 -5.51
N ALA D 20 1.86 0.19 -4.42
CA ALA D 20 1.34 0.62 -3.10
C ALA D 20 1.95 1.99 -2.80
N ARG D 21 3.19 2.17 -3.23
CA ARG D 21 3.94 3.41 -2.91
C ARG D 21 3.42 4.52 -3.84
N PHE D 22 3.31 4.29 -5.14
CA PHE D 22 2.72 5.31 -6.06
C PHE D 22 1.34 5.76 -5.53
N LEU D 23 0.54 4.84 -4.98
CA LEU D 23 -0.84 5.20 -4.53
C LEU D 23 -0.76 6.18 -3.35
N LYS D 24 -0.02 5.82 -2.29
CA LYS D 24 0.25 6.63 -1.08
C LYS D 24 0.88 7.97 -1.52
N ALA D 25 1.93 7.90 -2.32
CA ALA D 25 2.74 9.06 -2.75
C ALA D 25 1.87 10.10 -3.46
N GLY D 26 0.89 9.67 -4.25
CA GLY D 26 0.13 10.57 -5.14
C GLY D 26 -0.89 11.45 -4.42
N LYS D 27 -1.18 11.14 -3.14
CA LYS D 27 -2.14 11.86 -2.26
C LYS D 27 -3.51 11.90 -2.95
N TYR D 28 -3.98 10.72 -3.29
CA TYR D 28 -5.31 10.42 -3.85
C TYR D 28 -6.31 10.30 -2.70
N ALA D 29 -5.82 10.02 -1.49
CA ALA D 29 -6.62 9.63 -0.31
C ALA D 29 -5.77 9.80 0.96
N GLU D 30 -6.38 9.77 2.14
CA GLU D 30 -5.58 9.79 3.38
C GLU D 30 -5.07 8.38 3.70
N ARG D 31 -5.80 7.33 3.37
CA ARG D 31 -5.43 5.93 3.72
C ARG D 31 -5.53 5.04 2.47
N VAL D 32 -4.58 4.12 2.30
CA VAL D 32 -4.59 3.11 1.21
C VAL D 32 -4.58 1.74 1.88
N GLY D 33 -5.64 0.95 1.72
CA GLY D 33 -5.71 -0.37 2.35
C GLY D 33 -4.77 -1.32 1.63
N ALA D 34 -4.40 -2.42 2.29
CA ALA D 34 -3.36 -3.36 1.84
C ALA D 34 -3.85 -4.05 0.56
N GLY D 35 -5.16 -4.23 0.40
CA GLY D 35 -5.80 -4.94 -0.73
C GLY D 35 -5.80 -4.14 -2.02
N ALA D 36 -5.86 -2.82 -1.89
CA ALA D 36 -5.99 -1.88 -3.02
C ALA D 36 -4.83 -2.06 -4.00
N PRO D 37 -3.54 -2.09 -3.56
CA PRO D 37 -2.43 -2.19 -4.50
C PRO D 37 -2.38 -3.57 -5.15
N VAL D 38 -2.77 -4.62 -4.43
CA VAL D 38 -2.84 -6.00 -5.01
C VAL D 38 -3.87 -5.95 -6.15
N TYR D 39 -5.04 -5.36 -5.88
CA TYR D 39 -6.13 -5.34 -6.88
C TYR D 39 -5.66 -4.59 -8.13
N LEU D 40 -5.08 -3.43 -7.93
CA LEU D 40 -4.67 -2.52 -9.02
C LEU D 40 -3.55 -3.17 -9.83
N ALA D 41 -2.57 -3.80 -9.17
CA ALA D 41 -1.45 -4.47 -9.86
C ALA D 41 -2.02 -5.54 -10.77
N ALA D 42 -2.94 -6.38 -10.28
CA ALA D 42 -3.56 -7.46 -11.08
C ALA D 42 -4.27 -6.90 -12.31
N VAL D 43 -4.99 -5.79 -12.13
CA VAL D 43 -5.77 -5.12 -13.21
C VAL D 43 -4.79 -4.60 -14.28
N LEU D 44 -3.73 -3.92 -13.90
CA LEU D 44 -2.74 -3.36 -14.88
C LEU D 44 -2.07 -4.52 -15.60
N GLU D 45 -1.74 -5.58 -14.87
CA GLU D 45 -1.07 -6.76 -15.43
C GLU D 45 -1.97 -7.43 -16.48
N TYR D 46 -3.25 -7.65 -16.14
CA TYR D 46 -4.28 -8.19 -17.05
C TYR D 46 -4.33 -7.31 -18.31
N LEU D 47 -4.33 -6.00 -18.17
CA LEU D 47 -4.44 -5.10 -19.35
C LEU D 47 -3.18 -5.21 -20.21
N ALA D 48 -2.02 -5.22 -19.56
CA ALA D 48 -0.73 -5.45 -20.24
C ALA D 48 -0.77 -6.76 -21.04
N ALA D 49 -1.26 -7.82 -20.40
CA ALA D 49 -1.28 -9.17 -20.99
C ALA D 49 -2.23 -9.20 -22.20
N GLU D 50 -3.36 -8.53 -22.10
CA GLU D 50 -4.34 -8.40 -23.23
C GLU D 50 -3.68 -7.70 -24.43
N VAL D 51 -3.15 -6.50 -24.23
CA VAL D 51 -2.45 -5.77 -25.32
C VAL D 51 -1.27 -6.55 -25.86
N LEU D 52 -0.40 -7.10 -25.03
CA LEU D 52 0.76 -7.87 -25.53
C LEU D 52 0.30 -9.12 -26.29
N GLU D 53 -0.71 -9.80 -25.82
CA GLU D 53 -1.18 -11.02 -26.50
C GLU D 53 -1.66 -10.67 -27.92
N LEU D 54 -2.48 -9.64 -28.05
CA LEU D 54 -2.94 -9.12 -29.38
C LEU D 54 -1.78 -8.55 -30.23
N ALA D 55 -0.82 -7.87 -29.64
CA ALA D 55 0.29 -7.25 -30.40
C ALA D 55 1.18 -8.39 -30.88
N GLY D 56 1.43 -9.33 -29.98
CA GLY D 56 2.15 -10.55 -30.34
C GLY D 56 1.51 -11.24 -31.50
N ASN D 57 0.18 -11.44 -31.41
CA ASN D 57 -0.58 -12.14 -32.46
C ASN D 57 -0.37 -11.41 -33.81
N ALA D 58 -0.39 -10.08 -33.80
CA ALA D 58 -0.17 -9.26 -35.00
C ALA D 58 1.24 -9.51 -35.54
N ALA D 59 2.26 -9.61 -34.66
CA ALA D 59 3.65 -9.90 -35.10
C ALA D 59 3.65 -11.26 -35.79
N ARG D 60 3.17 -12.29 -35.10
CA ARG D 60 3.15 -13.67 -35.60
C ARG D 60 2.42 -13.75 -36.94
N ASP D 61 1.23 -13.15 -37.04
CA ASP D 61 0.37 -13.19 -38.25
C ASP D 61 1.17 -12.58 -39.43
N ASN D 62 2.00 -11.57 -39.15
CA ASN D 62 2.86 -10.80 -40.09
C ASN D 62 4.22 -11.51 -40.22
N LYS D 63 4.34 -12.74 -39.71
CA LYS D 63 5.60 -13.51 -39.76
C LYS D 63 6.76 -12.73 -39.14
N LYS D 64 6.55 -11.92 -38.10
CA LYS D 64 7.66 -11.27 -37.36
C LYS D 64 7.87 -11.94 -35.99
N THR D 65 9.07 -11.78 -35.44
CA THR D 65 9.54 -12.36 -34.15
C THR D 65 9.66 -11.27 -33.07
N ARG D 66 9.43 -9.99 -33.37
CA ARG D 66 9.33 -8.97 -32.30
C ARG D 66 8.17 -8.01 -32.58
N ILE D 67 7.60 -7.53 -31.48
CA ILE D 67 6.53 -6.49 -31.49
C ILE D 67 7.23 -5.16 -31.73
N VAL D 68 6.80 -4.44 -32.76
CA VAL D 68 7.16 -3.02 -33.04
C VAL D 68 5.88 -2.20 -32.88
N PRO D 69 5.97 -0.85 -32.83
CA PRO D 69 4.81 0.00 -32.68
C PRO D 69 3.60 -0.31 -33.57
N ARG D 70 3.85 -0.63 -34.84
CA ARG D 70 2.78 -0.97 -35.80
C ARG D 70 1.92 -2.08 -35.20
N HIS D 71 2.50 -3.14 -34.63
CA HIS D 71 1.74 -4.29 -34.08
C HIS D 71 0.80 -3.87 -32.94
N ILE D 72 1.22 -2.92 -32.12
CA ILE D 72 0.42 -2.43 -30.97
C ILE D 72 -0.72 -1.57 -31.52
N GLN D 73 -0.41 -0.68 -32.45
CA GLN D 73 -1.41 0.16 -33.17
C GLN D 73 -2.46 -0.77 -33.78
N LEU D 74 -2.07 -1.85 -34.45
CA LEU D 74 -3.07 -2.77 -35.03
C LEU D 74 -3.92 -3.39 -33.92
N ALA D 75 -3.27 -3.89 -32.86
CA ALA D 75 -3.96 -4.53 -31.72
C ALA D 75 -5.02 -3.60 -31.16
N VAL D 76 -4.69 -2.35 -30.91
CA VAL D 76 -5.64 -1.42 -30.26
C VAL D 76 -6.72 -1.00 -31.27
N ARG D 77 -6.35 -0.67 -32.49
CA ARG D 77 -7.29 -0.23 -33.48
C ARG D 77 -8.31 -1.30 -33.81
N ASN D 78 -7.88 -2.54 -33.84
CA ASN D 78 -8.80 -3.65 -34.23
C ASN D 78 -9.67 -4.11 -33.04
N ASP D 79 -9.61 -3.43 -31.90
CA ASP D 79 -10.37 -3.83 -30.69
C ASP D 79 -11.13 -2.61 -30.15
N GLU D 80 -12.44 -2.66 -30.21
CA GLU D 80 -13.30 -1.51 -29.83
C GLU D 80 -13.05 -1.09 -28.38
N GLU D 81 -13.02 -2.02 -27.45
CA GLU D 81 -12.76 -1.76 -26.02
C GLU D 81 -11.36 -1.21 -25.78
N LEU D 82 -10.31 -1.77 -26.41
CA LEU D 82 -8.95 -1.21 -26.17
C LEU D 82 -8.86 0.19 -26.77
N SER D 83 -9.48 0.47 -27.92
CA SER D 83 -9.47 1.82 -28.56
C SER D 83 -10.15 2.81 -27.62
N LYS D 84 -11.29 2.41 -27.06
CA LYS D 84 -12.05 3.24 -26.08
C LYS D 84 -11.15 3.52 -24.88
N LEU D 85 -10.55 2.48 -24.28
CA LEU D 85 -9.75 2.66 -23.03
C LEU D 85 -8.49 3.48 -23.30
N LEU D 86 -7.72 3.10 -24.32
CA LEU D 86 -6.31 3.53 -24.50
C LEU D 86 -6.24 4.78 -25.37
N GLY D 87 -7.22 5.01 -26.23
CA GLY D 87 -7.16 6.07 -27.27
C GLY D 87 -6.42 5.60 -28.51
N ASP D 88 -6.08 6.53 -29.37
CA ASP D 88 -5.38 6.21 -30.64
C ASP D 88 -3.89 6.06 -30.35
N VAL D 89 -3.24 5.20 -31.11
CA VAL D 89 -1.78 4.96 -31.13
C VAL D 89 -1.29 5.60 -32.41
N THR D 90 -0.38 6.58 -32.31
CA THR D 90 0.31 7.18 -33.48
C THR D 90 1.77 6.73 -33.49
N ILE D 91 2.25 6.27 -34.63
CA ILE D 91 3.65 5.84 -34.88
C ILE D 91 4.19 6.67 -36.08
N ALA D 92 5.21 6.24 -36.81
CA ALA D 92 5.45 6.58 -38.24
C ALA D 92 5.74 8.07 -38.47
N GLU E 9 6.54 5.19 -12.61
CA GLU E 9 6.74 5.65 -14.02
C GLU E 9 7.35 4.52 -14.89
N THR E 10 8.21 3.61 -14.36
CA THR E 10 8.73 2.45 -15.17
C THR E 10 8.22 1.09 -14.67
N TYR E 11 7.56 0.40 -15.60
CA TYR E 11 6.86 -0.90 -15.51
C TYR E 11 7.47 -1.86 -16.54
N LYS E 12 8.48 -1.41 -17.27
CA LYS E 12 8.99 -2.09 -18.49
C LYS E 12 9.41 -3.53 -18.19
N ILE E 13 10.19 -3.72 -17.13
CA ILE E 13 10.72 -5.08 -16.85
C ILE E 13 9.51 -6.00 -16.60
N TYR E 14 8.47 -5.50 -15.93
CA TYR E 14 7.27 -6.29 -15.56
C TYR E 14 6.42 -6.54 -16.81
N ILE E 15 6.36 -5.55 -17.67
CA ILE E 15 5.66 -5.72 -18.97
C ILE E 15 6.38 -6.80 -19.74
N PHE E 16 7.73 -6.77 -19.70
CA PHE E 16 8.57 -7.78 -20.43
C PHE E 16 8.30 -9.17 -19.93
N LYS E 17 8.34 -9.34 -18.62
CA LYS E 17 8.00 -10.65 -18.00
C LYS E 17 6.63 -11.13 -18.49
N VAL E 18 5.64 -10.25 -18.60
CA VAL E 18 4.26 -10.68 -18.98
C VAL E 18 4.27 -11.03 -20.46
N LEU E 19 5.02 -10.31 -21.27
CA LEU E 19 5.15 -10.62 -22.72
C LEU E 19 5.60 -12.08 -22.87
N LYS E 20 6.56 -12.53 -22.07
CA LYS E 20 7.20 -13.84 -22.29
C LYS E 20 6.27 -14.97 -21.81
N GLN E 21 5.31 -14.65 -20.96
CA GLN E 21 4.25 -15.61 -20.56
C GLN E 21 3.25 -15.77 -21.71
N VAL E 22 2.82 -14.71 -22.36
CA VAL E 22 1.77 -14.83 -23.41
C VAL E 22 2.43 -15.27 -24.72
N HIS E 23 3.70 -14.86 -24.97
CA HIS E 23 4.39 -15.09 -26.26
C HIS E 23 5.85 -15.39 -26.00
N PRO E 24 6.19 -16.62 -25.51
CA PRO E 24 7.55 -16.92 -25.09
C PRO E 24 8.63 -16.58 -26.12
N ASP E 25 8.25 -16.60 -27.41
CA ASP E 25 9.17 -16.61 -28.58
C ASP E 25 9.03 -15.30 -29.35
N ILE E 26 8.36 -14.31 -28.78
CA ILE E 26 8.25 -12.97 -29.42
C ILE E 26 8.94 -11.92 -28.54
N GLY E 27 9.72 -11.07 -29.20
CA GLY E 27 10.44 -9.92 -28.63
C GLY E 27 9.63 -8.63 -28.65
N ILE E 28 10.27 -7.55 -28.24
CA ILE E 28 9.66 -6.21 -28.27
C ILE E 28 10.76 -5.19 -28.49
N SER E 29 10.49 -4.25 -29.39
CA SER E 29 11.34 -3.08 -29.64
C SER E 29 11.22 -2.11 -28.48
N SER E 30 12.20 -1.26 -28.41
CA SER E 30 12.35 -0.18 -27.44
C SER E 30 11.16 0.81 -27.56
N LYS E 31 10.75 1.13 -28.77
CA LYS E 31 9.65 2.10 -28.95
C LYS E 31 8.31 1.44 -28.64
N ALA E 32 8.14 0.14 -28.99
CA ALA E 32 6.96 -0.65 -28.63
C ALA E 32 6.86 -0.71 -27.10
N MET E 33 7.99 -0.89 -26.42
CA MET E 33 7.97 -1.02 -24.92
C MET E 33 7.63 0.36 -24.34
N GLY E 34 8.08 1.43 -25.01
CA GLY E 34 7.79 2.81 -24.60
C GLY E 34 6.29 3.05 -24.59
N ILE E 35 5.62 2.65 -25.66
CA ILE E 35 4.15 2.72 -25.82
C ILE E 35 3.47 1.89 -24.73
N MET E 36 3.92 0.64 -24.52
CA MET E 36 3.31 -0.24 -23.48
C MET E 36 3.42 0.50 -22.15
N ASN E 37 4.60 1.03 -21.85
CA ASN E 37 4.83 1.69 -20.54
C ASN E 37 3.86 2.85 -20.38
N SER E 38 3.70 3.66 -21.42
CA SER E 38 2.73 4.78 -21.40
C SER E 38 1.34 4.29 -21.04
N PHE E 39 0.88 3.24 -21.71
CA PHE E 39 -0.49 2.73 -21.50
C PHE E 39 -0.60 2.49 -20.00
N ILE E 40 0.41 1.86 -19.37
CA ILE E 40 0.24 1.39 -17.97
C ILE E 40 0.22 2.64 -17.07
N ASN E 41 1.04 3.66 -17.36
CA ASN E 41 1.05 4.93 -16.60
C ASN E 41 -0.32 5.62 -16.72
N ASP E 42 -0.87 5.69 -17.94
CA ASP E 42 -2.20 6.31 -18.18
C ASP E 42 -3.27 5.59 -17.37
N ILE E 43 -3.33 4.28 -17.49
CA ILE E 43 -4.43 3.54 -16.84
C ILE E 43 -4.25 3.71 -15.32
N PHE E 44 -3.02 3.61 -14.82
CA PHE E 44 -2.79 3.75 -13.36
C PHE E 44 -3.44 5.07 -12.88
N GLU E 45 -3.16 6.15 -13.59
CA GLU E 45 -3.56 7.52 -13.17
C GLU E 45 -5.08 7.62 -13.24
N LYS E 46 -5.65 7.12 -14.33
CA LYS E 46 -7.12 7.16 -14.51
C LYS E 46 -7.77 6.41 -13.34
N LEU E 47 -7.26 5.24 -12.99
CA LEU E 47 -7.88 4.39 -11.95
C LEU E 47 -7.66 5.02 -10.58
N ALA E 48 -6.49 5.63 -10.39
CA ALA E 48 -6.12 6.31 -9.13
C ALA E 48 -6.98 7.56 -8.97
N GLN E 49 -7.18 8.36 -10.02
CA GLN E 49 -8.03 9.58 -9.98
C GLN E 49 -9.46 9.19 -9.63
N GLU E 50 -10.00 8.16 -10.27
CA GLU E 50 -11.41 7.73 -10.07
C GLU E 50 -11.58 7.23 -8.64
N SER E 51 -10.59 6.49 -8.12
CA SER E 51 -10.60 5.93 -6.74
C SER E 51 -10.60 7.11 -5.75
N SER E 52 -9.81 8.13 -6.03
CA SER E 52 -9.70 9.36 -5.22
C SER E 52 -11.08 10.02 -5.05
N LYS E 53 -11.73 10.34 -6.17
CA LYS E 53 -13.12 10.87 -6.20
C LYS E 53 -14.05 9.97 -5.39
N LEU E 54 -14.00 8.66 -5.62
CA LEU E 54 -14.88 7.68 -4.91
C LEU E 54 -14.64 7.72 -3.38
N ALA E 55 -13.39 7.86 -2.97
CA ALA E 55 -12.96 7.81 -1.57
C ALA E 55 -13.45 9.09 -0.85
N ARG E 56 -13.62 10.20 -1.57
CA ARG E 56 -13.93 11.51 -0.97
C ARG E 56 -15.38 11.56 -0.43
N TYR E 57 -16.26 10.64 -0.83
CA TYR E 57 -17.64 10.51 -0.27
C TYR E 57 -17.59 10.18 1.24
N ASN E 58 -16.49 9.61 1.75
CA ASN E 58 -16.33 9.26 3.18
C ASN E 58 -15.54 10.37 3.88
N LYS E 59 -15.64 10.44 5.21
CA LYS E 59 -15.05 11.54 6.04
C LYS E 59 -13.56 11.24 6.22
N LYS E 60 -13.17 9.95 6.26
CA LYS E 60 -11.75 9.54 6.13
C LYS E 60 -11.54 8.95 4.74
N PRO E 61 -11.13 9.76 3.73
CA PRO E 61 -10.95 9.26 2.37
C PRO E 61 -9.95 8.10 2.40
N THR E 62 -10.47 6.89 2.24
CA THR E 62 -9.73 5.62 2.28
C THR E 62 -9.90 4.93 0.94
N ILE E 63 -8.80 4.60 0.24
CA ILE E 63 -8.86 3.72 -0.96
C ILE E 63 -8.58 2.29 -0.54
N THR E 64 -9.60 1.45 -0.58
CA THR E 64 -9.50 -0.03 -0.45
C THR E 64 -9.66 -0.70 -1.81
N SER E 65 -9.64 -2.03 -1.83
CA SER E 65 -9.92 -2.84 -3.03
C SER E 65 -11.34 -2.55 -3.54
N ARG E 66 -12.25 -2.11 -2.67
CA ARG E 66 -13.59 -1.74 -3.06
C ARG E 66 -13.61 -0.53 -3.96
N GLU E 67 -12.90 0.54 -3.58
CA GLU E 67 -12.76 1.75 -4.43
C GLU E 67 -12.08 1.38 -5.76
N ILE E 68 -11.00 0.60 -5.75
CA ILE E 68 -10.32 0.19 -7.00
C ILE E 68 -11.34 -0.58 -7.85
N GLN E 69 -12.08 -1.50 -7.28
CA GLN E 69 -13.04 -2.35 -7.98
C GLN E 69 -14.06 -1.46 -8.70
N THR E 70 -14.58 -0.44 -8.02
CA THR E 70 -15.58 0.49 -8.54
C THR E 70 -14.90 1.41 -9.57
N ALA E 71 -13.69 1.87 -9.34
CA ALA E 71 -12.99 2.69 -10.35
C ALA E 71 -12.82 1.89 -11.66
N VAL E 72 -12.50 0.60 -11.58
CA VAL E 72 -12.26 -0.27 -12.75
C VAL E 72 -13.55 -0.46 -13.55
N ARG E 73 -14.64 -0.79 -12.84
CA ARG E 73 -16.02 -0.90 -13.39
C ARG E 73 -16.46 0.36 -14.12
N LEU E 74 -16.14 1.54 -13.62
CA LEU E 74 -16.50 2.84 -14.24
C LEU E 74 -15.54 3.22 -15.38
N VAL E 75 -14.22 3.03 -15.25
CA VAL E 75 -13.26 3.56 -16.27
C VAL E 75 -13.14 2.59 -17.45
N LEU E 76 -13.08 1.29 -17.21
CA LEU E 76 -12.84 0.27 -18.26
C LEU E 76 -14.12 0.03 -19.03
N PRO E 77 -14.04 -0.08 -20.37
CA PRO E 77 -15.20 -0.52 -21.13
C PRO E 77 -15.63 -1.88 -20.56
N GLY E 78 -16.90 -2.24 -20.78
CA GLY E 78 -17.59 -3.22 -19.90
C GLY E 78 -16.99 -4.61 -19.94
N GLU E 79 -16.64 -5.13 -21.12
CA GLU E 79 -16.09 -6.52 -21.19
C GLU E 79 -14.69 -6.56 -20.59
N LEU E 80 -13.80 -5.61 -20.89
CA LEU E 80 -12.48 -5.56 -20.20
C LEU E 80 -12.70 -5.44 -18.68
N ALA E 81 -13.68 -4.66 -18.25
CA ALA E 81 -13.98 -4.35 -16.83
C ALA E 81 -14.35 -5.64 -16.10
N LYS E 82 -15.23 -6.46 -16.68
CA LYS E 82 -15.63 -7.79 -16.14
C LYS E 82 -14.39 -8.67 -15.89
N HIS E 83 -13.56 -8.87 -16.92
CA HIS E 83 -12.33 -9.69 -16.75
C HIS E 83 -11.39 -9.07 -15.70
N ALA E 84 -11.19 -7.74 -15.73
CA ALA E 84 -10.24 -7.09 -14.82
C ALA E 84 -10.74 -7.30 -13.39
N VAL E 85 -12.02 -7.10 -13.16
CA VAL E 85 -12.63 -7.26 -11.81
C VAL E 85 -12.38 -8.71 -11.36
N SER E 86 -12.55 -9.68 -12.24
CA SER E 86 -12.26 -11.09 -11.89
C SER E 86 -10.78 -11.27 -11.46
N GLU E 87 -9.84 -10.79 -12.27
CA GLU E 87 -8.38 -10.81 -11.93
C GLU E 87 -8.11 -10.04 -10.64
N GLY E 88 -8.62 -8.82 -10.50
CA GLY E 88 -8.42 -8.08 -9.25
C GLY E 88 -8.90 -8.90 -8.06
N THR E 89 -10.09 -9.50 -8.18
CA THR E 89 -10.76 -10.25 -7.08
C THR E 89 -9.92 -11.49 -6.71
N LYS E 90 -9.50 -12.28 -7.69
CA LYS E 90 -8.62 -13.46 -7.49
C LYS E 90 -7.36 -13.07 -6.71
N ALA E 91 -6.67 -12.00 -7.12
CA ALA E 91 -5.38 -11.57 -6.55
C ALA E 91 -5.60 -11.21 -5.09
N VAL E 92 -6.71 -10.55 -4.75
CA VAL E 92 -6.98 -10.17 -3.33
C VAL E 92 -7.35 -11.40 -2.51
N THR E 93 -8.15 -12.34 -3.04
CA THR E 93 -8.49 -13.63 -2.36
C THR E 93 -7.19 -14.39 -2.05
N LYS E 94 -6.35 -14.59 -3.07
CA LYS E 94 -5.09 -15.36 -2.99
C LYS E 94 -4.07 -14.63 -2.10
N PHE E 95 -4.36 -13.40 -1.72
CA PHE E 95 -3.52 -12.58 -0.81
C PHE E 95 -4.09 -12.71 0.60
N THR E 96 -5.43 -12.69 0.71
CA THR E 96 -6.19 -12.76 1.97
C THR E 96 -6.19 -14.19 2.54
N SER E 97 -6.48 -15.18 1.70
CA SER E 97 -6.82 -16.58 2.10
C SER E 97 -5.55 -17.33 2.53
N ASP F 1 15.51 3.99 -36.57
CA ASP F 1 16.27 2.95 -35.81
C ASP F 1 15.58 2.68 -34.45
N ASP F 2 15.36 1.41 -34.17
CA ASP F 2 14.47 0.94 -33.06
C ASP F 2 15.03 -0.37 -32.50
N ASP F 3 16.11 -0.27 -31.76
CA ASP F 3 16.73 -1.41 -31.02
C ASP F 3 15.71 -2.14 -30.15
N ASP F 4 16.00 -3.39 -29.87
CA ASP F 4 15.32 -4.19 -28.82
C ASP F 4 15.30 -3.45 -27.49
N TYR F 5 14.21 -3.61 -26.75
CA TYR F 5 14.13 -3.24 -25.33
C TYR F 5 15.26 -3.99 -24.61
C1 GOL G . 2.46 5.82 -11.63
O1 GOL G . 2.40 4.77 -12.59
C2 GOL G . 2.35 7.18 -12.27
O2 GOL G . 1.44 7.12 -13.36
C3 GOL G . 1.91 8.27 -11.30
O3 GOL G . 0.73 8.93 -11.76
#